data_6JRD
#
_entry.id   6JRD
#
_cell.length_a   74.536
_cell.length_b   89.969
_cell.length_c   112.728
_cell.angle_alpha   90.00
_cell.angle_beta   90.00
_cell.angle_gamma   90.00
#
_symmetry.space_group_name_H-M   'P 21 21 21'
#
loop_
_entity.id
_entity.type
_entity.pdbx_description
1 polymer 'Zearalenone hydrolase'
2 non-polymer '2-[(~{E},6~{S},10~{S})-6,10-bis(oxidanyl)undec-1-enyl]-4,6-bis(oxidanyl)benzoic acid'
3 non-polymer GLYCEROL
4 non-polymer 'POTASSIUM ION'
5 water water
#
_entity_poly.entity_id   1
_entity_poly.type   'polypeptide(L)'
_entity_poly.pdbx_seq_one_letter_code
;MRTRSTISTPNGITWYYEQEGTGPDIVLVPDGLGECQMFDSSVSQIAAQGFRVTTFDMPGMSRSAKAPAETYTEVTAQKL
ASYVISILDALDIKHATVWGCSSGASTVVALLLGYPDRIRNAMCHELPTKLLDHLSNTAVLEDEEISNILANVMLNDVSG
GSEAWQALGVEVHARLHKNYPVWARGYPRTIPPSAPVQDVEALRGKPLDWTVGAATPTESFFDNIVTATKAGVNIGLLPG
MHFPYVSHPDVFAKYVVETTQKHLWNSSSVDKLAAALEHHHHHH
;
_entity_poly.pdbx_strand_id   A,B
#
# COMPACT_ATOMS: atom_id res chain seq x y z
N MET A 1 35.63 15.62 6.22
CA MET A 1 35.13 16.43 5.04
C MET A 1 33.72 17.03 5.33
N ARG A 2 33.12 16.67 6.44
CA ARG A 2 31.74 17.18 6.79
C ARG A 2 31.93 18.53 7.53
N THR A 3 31.26 19.55 7.06
CA THR A 3 31.10 20.81 7.83
C THR A 3 29.90 20.66 8.75
N ARG A 4 30.09 20.97 10.01
CA ARG A 4 29.02 20.87 11.02
C ARG A 4 29.02 22.22 11.72
N SER A 5 27.99 23.00 11.53
CA SER A 5 28.04 24.43 11.94
C SER A 5 26.65 24.95 12.20
N THR A 6 26.55 26.26 12.46
CA THR A 6 25.26 26.91 12.69
C THR A 6 25.16 28.16 11.86
N ILE A 7 23.94 28.57 11.60
CA ILE A 7 23.66 29.78 10.80
C ILE A 7 22.36 30.37 11.32
N SER A 8 22.30 31.68 11.40
CA SER A 8 21.12 32.39 11.91
C SER A 8 20.40 33.10 10.77
N THR A 9 19.10 32.91 10.71
CA THR A 9 18.24 33.54 9.68
C THR A 9 17.36 34.60 10.36
N PRO A 10 16.92 35.58 9.57
CA PRO A 10 16.26 36.76 10.17
C PRO A 10 14.84 36.53 10.65
N ASN A 11 14.30 35.32 10.48
CA ASN A 11 13.08 34.83 11.10
C ASN A 11 13.33 34.39 12.54
N GLY A 12 14.55 34.55 13.07
CA GLY A 12 14.80 34.23 14.47
C GLY A 12 15.42 32.88 14.71
N ILE A 13 15.56 32.06 13.69
CA ILE A 13 16.04 30.67 13.88
C ILE A 13 17.58 30.67 13.82
N THR A 14 18.20 29.93 14.76
CA THR A 14 19.62 29.54 14.69
C THR A 14 19.62 28.06 14.36
N TRP A 15 19.98 27.76 13.13
CA TRP A 15 19.96 26.38 12.60
C TRP A 15 21.27 25.68 12.89
N TYR A 16 21.18 24.42 13.27
CA TYR A 16 22.30 23.50 13.14
C TYR A 16 22.24 22.89 11.74
N TYR A 17 23.36 22.89 11.02
CA TYR A 17 23.36 22.30 9.67
C TYR A 17 24.65 21.56 9.43
N GLU A 18 24.63 20.71 8.40
CA GLU A 18 25.80 19.97 7.95
C GLU A 18 25.89 20.09 6.45
N GLN A 19 27.13 20.12 5.95
N GLN A 19 27.11 20.05 5.91
CA GLN A 19 27.38 20.13 4.50
CA GLN A 19 27.32 20.23 4.45
C GLN A 19 28.54 19.21 4.20
C GLN A 19 28.59 19.50 4.02
N GLU A 20 28.47 18.63 3.01
CA GLU A 20 29.61 17.85 2.51
C GLU A 20 29.61 17.92 0.99
N GLY A 21 30.80 18.01 0.40
CA GLY A 21 30.90 17.87 -1.06
C GLY A 21 30.90 19.15 -1.83
N THR A 22 31.13 18.99 -3.14
N THR A 22 31.20 19.05 -3.14
CA THR A 22 31.16 20.05 -4.14
CA THR A 22 31.07 20.13 -4.10
C THR A 22 30.36 19.61 -5.37
C THR A 22 30.34 19.61 -5.34
N GLY A 23 29.59 20.52 -5.94
CA GLY A 23 28.79 20.18 -7.12
C GLY A 23 27.39 20.73 -6.97
N PRO A 24 26.46 20.28 -7.84
CA PRO A 24 25.06 20.69 -7.74
C PRO A 24 24.52 20.42 -6.34
N ASP A 25 23.65 21.29 -5.87
CA ASP A 25 23.15 21.20 -4.49
C ASP A 25 22.00 20.16 -4.38
N ILE A 26 22.13 19.32 -3.36
CA ILE A 26 21.09 18.39 -2.88
C ILE A 26 20.86 18.71 -1.44
N VAL A 27 19.60 18.91 -1.07
CA VAL A 27 19.19 19.31 0.29
C VAL A 27 18.28 18.20 0.85
N LEU A 28 18.63 17.70 2.01
CA LEU A 28 17.85 16.62 2.68
C LEU A 28 17.09 17.22 3.85
N VAL A 29 15.79 17.36 3.67
CA VAL A 29 14.90 17.91 4.71
C VAL A 29 14.46 16.78 5.60
N PRO A 30 14.63 16.87 6.93
CA PRO A 30 14.15 15.84 7.80
C PRO A 30 12.62 15.67 7.78
N ASP A 31 12.25 14.50 8.28
CA ASP A 31 10.84 14.22 8.68
C ASP A 31 10.52 15.09 9.89
N GLY A 32 9.32 14.89 10.42
CA GLY A 32 8.82 15.78 11.48
C GLY A 32 9.69 15.78 12.73
N LEU A 33 10.43 14.68 12.99
CA LEU A 33 11.28 14.66 14.18
C LEU A 33 12.46 15.62 14.05
N GLY A 34 12.76 16.08 12.85
CA GLY A 34 13.70 17.21 12.69
C GLY A 34 15.14 16.93 12.94
N GLU A 35 15.57 15.68 12.85
CA GLU A 35 16.88 15.19 13.33
C GLU A 35 17.74 14.79 12.13
N CYS A 36 18.70 15.63 11.77
CA CYS A 36 19.49 15.36 10.54
C CYS A 36 20.60 14.34 10.70
N GLN A 37 20.90 13.88 11.92
CA GLN A 37 21.89 12.79 12.05
C GLN A 37 21.35 11.52 11.38
N MET A 38 20.05 11.41 11.17
CA MET A 38 19.50 10.27 10.43
C MET A 38 20.04 10.18 9.00
N PHE A 39 20.57 11.25 8.44
CA PHE A 39 21.12 11.26 7.08
C PHE A 39 22.63 11.02 7.02
N ASP A 40 23.30 10.82 8.17
CA ASP A 40 24.79 10.85 8.24
C ASP A 40 25.45 9.94 7.19
N SER A 41 25.06 8.67 7.14
CA SER A 41 25.71 7.73 6.20
C SER A 41 25.44 8.14 4.75
N SER A 42 24.21 8.55 4.49
N SER A 42 24.21 8.54 4.48
CA SER A 42 23.79 8.87 3.12
CA SER A 42 23.81 8.86 3.08
C SER A 42 24.44 10.17 2.64
C SER A 42 24.44 10.18 2.64
N VAL A 43 24.65 11.16 3.51
CA VAL A 43 25.25 12.43 3.09
C VAL A 43 26.63 12.15 2.45
N SER A 44 27.45 11.33 3.10
CA SER A 44 28.78 11.04 2.52
C SER A 44 28.65 10.27 1.16
N GLN A 45 27.75 9.33 1.10
CA GLN A 45 27.62 8.53 -0.15
C GLN A 45 27.13 9.39 -1.30
N ILE A 46 26.17 10.31 -1.05
CA ILE A 46 25.67 11.21 -2.09
C ILE A 46 26.78 12.18 -2.48
N ALA A 47 27.41 12.83 -1.51
CA ALA A 47 28.42 13.86 -1.82
C ALA A 47 29.53 13.25 -2.68
N ALA A 48 29.87 12.01 -2.43
CA ALA A 48 30.99 11.32 -3.12
C ALA A 48 30.68 11.17 -4.61
N GLN A 49 29.42 11.34 -5.06
CA GLN A 49 29.06 11.26 -6.49
C GLN A 49 29.12 12.61 -7.15
N GLY A 50 29.67 13.65 -6.50
CA GLY A 50 29.84 14.97 -7.13
C GLY A 50 28.71 15.92 -6.85
N PHE A 51 28.23 15.94 -5.60
CA PHE A 51 27.18 16.88 -5.19
C PHE A 51 27.62 17.59 -3.91
N ARG A 52 27.13 18.80 -3.72
CA ARG A 52 27.17 19.48 -2.40
C ARG A 52 25.86 19.13 -1.67
N VAL A 53 25.96 18.41 -0.57
CA VAL A 53 24.79 17.95 0.17
C VAL A 53 24.68 18.77 1.43
N THR A 54 23.50 19.29 1.68
CA THR A 54 23.20 20.11 2.86
C THR A 54 22.03 19.47 3.60
N THR A 55 22.14 19.39 4.91
CA THR A 55 20.97 18.99 5.74
C THR A 55 21.02 19.79 7.03
N PHE A 56 19.97 19.70 7.86
CA PHE A 56 19.88 20.58 9.03
C PHE A 56 18.85 19.97 9.95
N ASP A 57 18.96 20.32 11.22
CA ASP A 57 17.86 20.06 12.17
C ASP A 57 16.76 21.09 11.98
N MET A 58 15.51 20.67 12.15
CA MET A 58 14.40 21.55 11.87
C MET A 58 14.09 22.48 13.03
N PRO A 59 13.42 23.62 12.79
CA PRO A 59 13.27 24.61 13.88
C PRO A 59 12.57 24.05 15.11
N GLY A 60 13.13 24.32 16.29
CA GLY A 60 12.61 23.82 17.55
C GLY A 60 13.03 22.42 17.89
N MET A 61 13.68 21.71 16.95
CA MET A 61 14.07 20.32 17.11
C MET A 61 15.60 20.17 17.26
N SER A 62 16.01 19.21 18.09
CA SER A 62 17.42 18.82 18.22
C SER A 62 18.29 20.07 18.38
N ARG A 63 19.26 20.29 17.53
CA ARG A 63 20.23 21.35 17.72
C ARG A 63 19.81 22.64 17.04
N SER A 64 18.62 22.68 16.42
CA SER A 64 18.00 23.92 15.89
C SER A 64 16.91 24.42 16.85
N ALA A 65 17.06 24.17 18.14
CA ALA A 65 16.03 24.54 19.14
C ALA A 65 15.99 26.02 19.41
N LYS A 66 17.02 26.79 19.09
CA LYS A 66 16.99 28.25 19.27
C LYS A 66 16.18 28.89 18.16
N ALA A 67 14.87 28.94 18.37
CA ALA A 67 13.91 29.37 17.36
C ALA A 67 12.70 29.92 18.12
N PRO A 68 11.99 30.86 17.49
CA PRO A 68 10.76 31.37 18.09
C PRO A 68 9.64 30.36 18.04
N ALA A 69 8.72 30.48 19.00
CA ALA A 69 7.68 29.43 19.19
C ALA A 69 6.79 29.27 17.93
N GLU A 70 6.63 30.30 17.12
N GLU A 70 6.63 30.33 17.15
CA GLU A 70 5.78 30.23 15.93
CA GLU A 70 5.80 30.28 15.93
C GLU A 70 6.39 29.24 14.94
C GLU A 70 6.38 29.19 15.01
N THR A 71 7.70 28.99 15.02
CA THR A 71 8.34 28.08 14.00
C THR A 71 8.11 26.62 14.35
N TYR A 72 7.66 26.28 15.55
CA TYR A 72 7.45 24.88 15.93
C TYR A 72 6.06 24.66 16.57
N THR A 73 5.16 25.65 16.37
CA THR A 73 3.76 25.43 16.76
C THR A 73 2.88 25.75 15.56
N GLU A 74 1.71 25.11 15.50
CA GLU A 74 0.76 25.30 14.37
C GLU A 74 1.54 25.26 13.05
N VAL A 75 2.32 24.22 12.93
CA VAL A 75 3.23 24.11 11.76
C VAL A 75 2.45 23.61 10.54
N THR A 76 2.73 24.25 9.43
CA THR A 76 2.16 23.93 8.10
C THR A 76 3.28 23.67 7.12
N ALA A 77 2.94 23.03 6.02
CA ALA A 77 3.90 22.86 4.90
C ALA A 77 4.43 24.20 4.44
N GLN A 78 3.55 25.21 4.39
CA GLN A 78 3.93 26.52 3.86
C GLN A 78 4.88 27.26 4.81
N LYS A 79 4.67 27.12 6.11
CA LYS A 79 5.63 27.69 7.07
C LYS A 79 7.00 27.01 6.89
N LEU A 80 6.99 25.67 6.85
CA LEU A 80 8.28 24.95 6.74
C LEU A 80 9.00 25.30 5.46
N ALA A 81 8.29 25.43 4.35
CA ALA A 81 8.90 25.79 3.06
C ALA A 81 9.55 27.19 3.20
N SER A 82 8.87 28.13 3.83
N SER A 82 8.87 28.13 3.83
CA SER A 82 9.46 29.47 4.04
CA SER A 82 9.46 29.46 4.04
C SER A 82 10.75 29.35 4.87
C SER A 82 10.76 29.33 4.85
N TYR A 83 10.78 28.49 5.89
CA TYR A 83 11.97 28.34 6.73
C TYR A 83 13.09 27.70 5.96
N VAL A 84 12.81 26.69 5.14
CA VAL A 84 13.88 26.08 4.34
C VAL A 84 14.43 27.12 3.33
N ILE A 85 13.57 27.91 2.73
CA ILE A 85 14.11 28.92 1.77
C ILE A 85 15.00 29.87 2.58
N SER A 86 14.66 30.21 3.83
CA SER A 86 15.51 31.15 4.60
C SER A 86 16.92 30.58 4.82
N ILE A 87 17.04 29.26 5.08
CA ILE A 87 18.40 28.68 5.26
C ILE A 87 19.12 28.54 3.92
N LEU A 88 18.41 28.22 2.85
CA LEU A 88 19.06 28.16 1.54
C LEU A 88 19.58 29.57 1.17
N ASP A 89 18.76 30.59 1.42
CA ASP A 89 19.23 31.98 1.20
C ASP A 89 20.49 32.24 2.00
N ALA A 90 20.51 31.86 3.27
CA ALA A 90 21.63 32.16 4.16
C ALA A 90 22.89 31.44 3.73
N LEU A 91 22.75 30.25 3.13
CA LEU A 91 23.86 29.42 2.69
C LEU A 91 24.22 29.67 1.22
N ASP A 92 23.53 30.61 0.59
CA ASP A 92 23.68 31.00 -0.83
C ASP A 92 23.54 29.79 -1.73
N ILE A 93 22.48 29.01 -1.48
CA ILE A 93 22.09 27.87 -2.37
C ILE A 93 20.96 28.37 -3.24
N LYS A 94 21.29 28.68 -4.47
CA LYS A 94 20.32 29.31 -5.38
C LYS A 94 19.39 28.29 -6.04
N HIS A 95 19.93 27.13 -6.39
N HIS A 95 19.89 27.09 -6.34
CA HIS A 95 19.20 26.04 -7.09
CA HIS A 95 19.14 26.05 -7.10
C HIS A 95 19.45 24.76 -6.30
C HIS A 95 19.43 24.68 -6.51
N ALA A 96 18.39 24.03 -5.96
CA ALA A 96 18.62 22.80 -5.18
C ALA A 96 17.65 21.71 -5.63
N THR A 97 18.17 20.48 -5.59
CA THR A 97 17.36 19.26 -5.55
C THR A 97 16.99 19.08 -4.07
N VAL A 98 15.75 18.71 -3.78
CA VAL A 98 15.31 18.54 -2.39
C VAL A 98 14.66 17.20 -2.18
N TRP A 99 14.93 16.64 -1.01
CA TRP A 99 14.28 15.40 -0.51
C TRP A 99 13.53 15.73 0.74
N GLY A 100 12.36 15.11 0.92
CA GLY A 100 11.74 15.11 2.24
C GLY A 100 10.74 14.00 2.42
N CYS A 101 10.68 13.50 3.66
CA CYS A 101 9.67 12.52 4.10
C CYS A 101 8.71 13.18 5.09
N SER A 102 7.47 12.74 5.10
CA SER A 102 6.51 13.13 6.17
C SER A 102 6.24 14.61 6.03
N SER A 103 6.34 15.40 7.08
CA SER A 103 6.23 16.86 6.94
C SER A 103 7.31 17.40 6.03
N GLY A 104 8.43 16.74 5.94
CA GLY A 104 9.47 17.04 4.93
C GLY A 104 8.96 16.88 3.52
N ALA A 105 8.12 15.88 3.27
CA ALA A 105 7.51 15.69 1.96
C ALA A 105 6.57 16.86 1.66
N SER A 106 5.75 17.21 2.63
CA SER A 106 4.85 18.36 2.39
C SER A 106 5.67 19.62 2.13
N THR A 107 6.76 19.79 2.87
CA THR A 107 7.67 20.92 2.69
C THR A 107 8.24 20.94 1.26
N VAL A 108 8.76 19.82 0.75
CA VAL A 108 9.42 19.87 -0.55
C VAL A 108 8.41 20.08 -1.69
N VAL A 109 7.18 19.59 -1.57
CA VAL A 109 6.17 19.88 -2.61
C VAL A 109 5.80 21.35 -2.53
N ALA A 110 5.62 21.91 -1.34
CA ALA A 110 5.35 23.36 -1.17
C ALA A 110 6.52 24.18 -1.72
N LEU A 111 7.77 23.75 -1.56
CA LEU A 111 8.93 24.43 -2.12
C LEU A 111 8.87 24.40 -3.64
N LEU A 112 8.59 23.23 -4.23
CA LEU A 112 8.59 23.11 -5.70
C LEU A 112 7.48 24.00 -6.25
N LEU A 113 6.32 23.99 -5.66
CA LEU A 113 5.16 24.77 -6.22
C LEU A 113 5.37 26.24 -5.94
N GLY A 114 5.89 26.58 -4.76
CA GLY A 114 5.88 27.97 -4.30
C GLY A 114 7.08 28.71 -4.77
N TYR A 115 8.20 28.05 -5.02
CA TYR A 115 9.50 28.65 -5.31
C TYR A 115 10.11 27.92 -6.48
N PRO A 116 9.44 27.83 -7.67
CA PRO A 116 9.88 26.96 -8.74
C PRO A 116 11.26 27.28 -9.30
N ASP A 117 11.67 28.57 -9.23
CA ASP A 117 12.97 28.95 -9.76
C ASP A 117 14.10 28.42 -8.87
N ARG A 118 13.79 28.01 -7.64
CA ARG A 118 14.79 27.61 -6.63
C ARG A 118 15.00 26.09 -6.66
N ILE A 119 14.05 25.35 -7.22
CA ILE A 119 13.99 23.87 -6.98
C ILE A 119 14.17 23.16 -8.31
N ARG A 120 15.27 22.44 -8.45
CA ARG A 120 15.55 21.64 -9.64
C ARG A 120 14.53 20.50 -9.76
N ASN A 121 14.34 19.80 -8.65
CA ASN A 121 13.45 18.64 -8.63
C ASN A 121 13.28 18.30 -7.16
N ALA A 122 12.15 17.67 -6.86
CA ALA A 122 11.78 17.31 -5.46
C ALA A 122 11.48 15.83 -5.42
N MET A 123 11.99 15.19 -4.38
CA MET A 123 11.63 13.79 -4.03
C MET A 123 10.82 13.85 -2.74
N CYS A 124 9.60 13.35 -2.80
CA CYS A 124 8.72 13.32 -1.62
C CYS A 124 8.44 11.86 -1.26
N HIS A 125 8.41 11.60 0.02
CA HIS A 125 8.18 10.24 0.54
C HIS A 125 7.12 10.30 1.65
N GLU A 126 6.06 9.52 1.49
CA GLU A 126 5.06 9.36 2.57
C GLU A 126 4.57 10.72 3.08
N LEU A 127 3.82 11.40 2.23
CA LEU A 127 3.32 12.75 2.49
C LEU A 127 1.98 12.65 3.23
N PRO A 128 1.87 13.23 4.44
CA PRO A 128 0.65 13.07 5.24
C PRO A 128 -0.44 14.04 4.81
N THR A 129 -1.59 13.46 4.46
CA THR A 129 -2.75 14.28 4.03
C THR A 129 -3.97 14.02 4.88
N LYS A 130 -3.88 13.10 5.83
N LYS A 130 -3.85 13.10 5.82
CA LYS A 130 -5.07 12.72 6.65
CA LYS A 130 -5.00 12.67 6.69
C LYS A 130 -4.78 12.92 8.13
C LYS A 130 -4.73 13.02 8.15
N LEU A 131 -5.74 13.56 8.81
CA LEU A 131 -5.69 13.68 10.27
C LEU A 131 -5.89 12.33 10.89
N LEU A 132 -5.03 11.96 11.82
CA LEU A 132 -5.19 10.72 12.62
C LEU A 132 -5.45 11.13 14.07
N ASP A 133 -6.68 10.92 14.54
CA ASP A 133 -7.07 11.43 15.87
C ASP A 133 -6.16 10.82 16.95
N HIS A 134 -5.71 9.58 16.81
CA HIS A 134 -4.90 8.94 17.87
C HIS A 134 -3.54 9.64 17.99
N LEU A 135 -2.98 10.16 16.89
CA LEU A 135 -1.74 10.97 17.00
C LEU A 135 -2.03 12.42 17.39
N SER A 136 -3.08 13.06 16.86
CA SER A 136 -3.52 14.41 17.27
C SER A 136 -3.73 14.41 18.80
N ASN A 137 -4.29 13.36 19.33
CA ASN A 137 -4.66 13.32 20.77
C ASN A 137 -3.43 13.22 21.70
N THR A 138 -2.23 12.89 21.20
CA THR A 138 -1.03 12.89 22.06
C THR A 138 -0.69 14.32 22.48
N ALA A 139 -1.17 15.36 21.78
CA ALA A 139 -0.78 16.76 22.04
C ALA A 139 -1.15 17.21 23.43
N VAL A 140 -2.14 16.59 24.06
CA VAL A 140 -2.60 17.08 25.38
C VAL A 140 -2.00 16.27 26.51
N LEU A 141 -1.14 15.28 26.23
CA LEU A 141 -0.57 14.41 27.30
C LEU A 141 0.64 15.12 27.92
N GLU A 142 1.17 14.55 29.00
CA GLU A 142 2.41 15.03 29.63
C GLU A 142 3.58 14.64 28.71
N ASP A 143 4.65 15.41 28.80
CA ASP A 143 5.85 15.24 27.92
C ASP A 143 6.34 13.82 28.03
N GLU A 144 6.48 13.27 29.25
CA GLU A 144 7.05 11.91 29.40
C GLU A 144 6.18 10.84 28.74
N GLU A 145 4.86 10.97 28.85
N GLU A 145 4.86 10.95 28.81
CA GLU A 145 3.90 10.05 28.18
CA GLU A 145 3.98 9.96 28.15
C GLU A 145 4.11 10.15 26.66
C GLU A 145 4.08 10.14 26.62
N ILE A 146 4.16 11.37 26.14
CA ILE A 146 4.29 11.60 24.67
C ILE A 146 5.57 10.91 24.20
N SER A 147 6.68 11.18 24.86
CA SER A 147 7.97 10.57 24.43
C SER A 147 7.89 9.06 24.45
N ASN A 148 7.29 8.49 25.50
N ASN A 148 7.30 8.50 25.51
CA ASN A 148 7.19 7.02 25.61
CA ASN A 148 7.18 7.01 25.59
C ASN A 148 6.31 6.44 24.49
C ASN A 148 6.31 6.45 24.47
N ILE A 149 5.15 7.05 24.22
CA ILE A 149 4.24 6.58 23.14
C ILE A 149 4.97 6.69 21.79
N LEU A 150 5.54 7.85 21.49
CA LEU A 150 6.06 8.06 20.09
C LEU A 150 7.37 7.33 19.91
N ALA A 151 8.22 7.21 20.93
CA ALA A 151 9.45 6.41 20.78
C ALA A 151 9.07 4.99 20.39
N ASN A 152 8.03 4.44 21.01
CA ASN A 152 7.59 3.07 20.71
C ASN A 152 7.01 2.97 19.30
N VAL A 153 6.23 3.94 18.86
CA VAL A 153 5.67 3.99 17.49
C VAL A 153 6.85 3.94 16.50
N MET A 154 7.88 4.75 16.73
CA MET A 154 8.95 4.84 15.72
C MET A 154 9.69 3.51 15.69
N LEU A 155 10.05 2.98 16.87
CA LEU A 155 10.88 1.78 16.92
C LEU A 155 10.12 0.58 16.36
N ASN A 156 8.92 0.36 16.84
CA ASN A 156 8.18 -0.89 16.57
C ASN A 156 7.16 -0.82 15.44
N ASP A 157 6.71 0.34 15.01
CA ASP A 157 5.64 0.41 14.01
C ASP A 157 6.18 0.90 12.64
N VAL A 158 7.01 1.96 12.61
CA VAL A 158 7.26 2.63 11.31
C VAL A 158 8.74 2.82 10.98
N SER A 159 9.66 2.30 11.79
CA SER A 159 11.09 2.47 11.51
C SER A 159 11.47 1.78 10.21
N GLY A 160 10.81 0.67 9.84
CA GLY A 160 11.23 -0.13 8.70
C GLY A 160 12.48 -0.94 8.98
N GLY A 161 12.94 -0.93 10.22
CA GLY A 161 14.18 -1.65 10.59
C GLY A 161 14.60 -1.34 11.98
N SER A 162 14.16 -2.14 12.96
CA SER A 162 14.33 -1.76 14.37
C SER A 162 15.83 -1.70 14.73
N GLU A 163 16.65 -2.59 14.18
N GLU A 163 16.63 -2.63 14.19
CA GLU A 163 18.08 -2.65 14.56
CA GLU A 163 18.08 -2.68 14.51
C GLU A 163 18.78 -1.38 14.04
C GLU A 163 18.72 -1.35 14.08
N ALA A 164 18.44 -0.92 12.83
CA ALA A 164 19.06 0.32 12.30
C ALA A 164 18.56 1.50 13.12
N TRP A 165 17.29 1.50 13.51
CA TRP A 165 16.71 2.57 14.34
C TRP A 165 17.43 2.68 15.68
N GLN A 166 17.62 1.54 16.35
CA GLN A 166 18.34 1.59 17.64
C GLN A 166 19.77 2.05 17.43
N ALA A 167 20.39 1.67 16.32
CA ALA A 167 21.81 1.95 16.01
C ALA A 167 22.03 3.43 15.72
N LEU A 168 20.98 4.26 15.69
CA LEU A 168 21.21 5.70 15.61
C LEU A 168 22.00 6.13 16.83
N GLY A 169 21.81 5.44 17.93
CA GLY A 169 22.67 5.64 19.11
C GLY A 169 22.01 6.43 20.23
N VAL A 170 22.60 6.37 21.42
N VAL A 170 22.64 6.41 21.40
CA VAL A 170 21.99 6.95 22.64
CA VAL A 170 22.11 7.04 22.63
C VAL A 170 21.85 8.48 22.52
C VAL A 170 21.93 8.55 22.45
N GLU A 171 22.81 9.19 21.89
N GLU A 171 22.90 9.24 21.87
CA GLU A 171 22.74 10.68 21.84
CA GLU A 171 22.86 10.71 21.73
C GLU A 171 21.62 11.10 20.88
C GLU A 171 21.64 11.09 20.87
N VAL A 172 21.47 10.42 19.75
CA VAL A 172 20.33 10.78 18.83
C VAL A 172 19.00 10.51 19.54
N HIS A 173 18.88 9.35 20.21
CA HIS A 173 17.60 9.03 20.89
C HIS A 173 17.34 9.99 22.04
N ALA A 174 18.38 10.54 22.69
CA ALA A 174 18.20 11.59 23.71
C ALA A 174 17.65 12.86 23.09
N ARG A 175 18.12 13.22 21.91
CA ARG A 175 17.53 14.39 21.21
C ARG A 175 16.09 14.11 20.80
N LEU A 176 15.84 12.94 20.26
CA LEU A 176 14.48 12.60 19.81
C LEU A 176 13.53 12.62 21.00
N HIS A 177 14.00 12.12 22.14
CA HIS A 177 13.19 12.14 23.38
C HIS A 177 12.62 13.54 23.61
N LYS A 178 13.43 14.58 23.49
CA LYS A 178 12.97 15.96 23.69
C LYS A 178 12.11 16.47 22.52
N ASN A 179 12.35 15.95 21.31
CA ASN A 179 11.58 16.41 20.16
C ASN A 179 10.14 15.87 20.19
N TYR A 180 9.91 14.66 20.70
CA TYR A 180 8.57 14.05 20.58
C TYR A 180 7.48 14.99 21.05
N PRO A 181 7.55 15.62 22.24
CA PRO A 181 6.45 16.51 22.67
C PRO A 181 6.32 17.76 21.82
N VAL A 182 7.44 18.30 21.30
CA VAL A 182 7.38 19.47 20.44
C VAL A 182 6.62 19.05 19.16
N TRP A 183 7.01 17.93 18.58
CA TRP A 183 6.33 17.43 17.37
C TRP A 183 4.85 17.21 17.63
N ALA A 184 4.52 16.53 18.72
CA ALA A 184 3.11 16.20 19.01
C ALA A 184 2.29 17.48 19.10
N ARG A 185 2.80 18.53 19.75
CA ARG A 185 2.02 19.74 20.00
C ARG A 185 1.97 20.61 18.75
N GLY A 186 2.99 20.55 17.87
CA GLY A 186 3.04 21.49 16.75
C GLY A 186 2.69 20.93 15.37
N TYR A 187 2.67 19.61 15.16
CA TYR A 187 2.65 19.03 13.78
C TYR A 187 1.36 18.28 13.42
N PRO A 188 0.98 17.20 14.09
CA PRO A 188 -0.04 16.30 13.52
C PRO A 188 -1.41 16.97 13.34
N ARG A 189 -1.76 17.99 14.12
CA ARG A 189 -3.08 18.63 13.97
C ARG A 189 -3.10 19.60 12.80
N THR A 190 -1.95 20.11 12.32
CA THR A 190 -1.89 21.19 11.34
C THR A 190 -1.16 20.82 10.04
N ILE A 191 -0.27 19.84 10.09
CA ILE A 191 0.46 19.46 8.86
C ILE A 191 -0.50 18.84 7.82
N PRO A 192 -1.35 17.85 8.15
CA PRO A 192 -2.11 17.19 7.10
C PRO A 192 -3.05 18.11 6.34
N PRO A 193 -3.79 19.04 7.02
CA PRO A 193 -4.67 19.91 6.24
C PRO A 193 -3.96 20.91 5.35
N SER A 194 -2.65 21.11 5.57
CA SER A 194 -1.84 22.02 4.80
C SER A 194 -1.20 21.33 3.58
N ALA A 195 -1.45 20.05 3.39
CA ALA A 195 -0.81 19.29 2.31
C ALA A 195 -1.02 19.98 0.97
N PRO A 196 0.05 20.24 0.21
CA PRO A 196 -0.05 20.98 -1.02
C PRO A 196 -0.39 20.11 -2.24
N VAL A 197 -1.33 19.22 -2.04
CA VAL A 197 -1.72 18.22 -3.08
C VAL A 197 -3.22 18.26 -3.30
N GLN A 198 -3.88 19.36 -2.94
CA GLN A 198 -5.32 19.57 -3.23
C GLN A 198 -5.56 19.84 -4.69
N ASP A 199 -4.61 20.44 -5.40
CA ASP A 199 -4.75 20.81 -6.81
C ASP A 199 -3.90 19.83 -7.60
N VAL A 200 -4.51 18.76 -8.07
CA VAL A 200 -3.80 17.73 -8.85
C VAL A 200 -3.19 18.35 -10.09
N GLU A 201 -3.88 19.28 -10.78
CA GLU A 201 -3.39 19.86 -12.02
C GLU A 201 -2.16 20.72 -11.75
N ALA A 202 -1.96 21.20 -10.53
CA ALA A 202 -0.76 22.01 -10.23
C ALA A 202 0.45 21.08 -10.18
N LEU A 203 0.24 19.81 -9.83
CA LEU A 203 1.38 18.84 -9.81
C LEU A 203 1.75 18.33 -11.20
N ARG A 204 0.83 18.40 -12.17
CA ARG A 204 1.06 17.74 -13.48
C ARG A 204 2.25 18.39 -14.21
N GLY A 205 3.17 17.58 -14.66
CA GLY A 205 4.34 17.98 -15.46
C GLY A 205 5.45 18.55 -14.60
N LYS A 206 5.32 18.52 -13.28
CA LYS A 206 6.35 19.11 -12.38
C LYS A 206 7.43 18.05 -12.11
N PRO A 207 8.67 18.48 -11.83
CA PRO A 207 9.81 17.57 -11.62
C PRO A 207 9.79 17.01 -10.20
N LEU A 208 8.82 16.13 -10.00
CA LEU A 208 8.47 15.54 -8.69
C LEU A 208 8.63 14.03 -8.84
N ASP A 209 9.27 13.38 -7.86
CA ASP A 209 9.39 11.93 -7.82
C ASP A 209 8.94 11.49 -6.42
N TRP A 210 7.87 10.67 -6.39
CA TRP A 210 7.17 10.34 -5.17
C TRP A 210 7.41 8.88 -4.79
N THR A 211 7.64 8.63 -3.52
CA THR A 211 7.82 7.26 -3.03
C THR A 211 6.99 7.01 -1.77
N VAL A 212 6.68 5.73 -1.57
CA VAL A 212 6.10 5.17 -0.35
C VAL A 212 6.98 3.98 0.06
N GLY A 213 6.98 3.64 1.33
CA GLY A 213 7.74 2.48 1.79
C GLY A 213 7.10 1.18 1.34
N ALA A 214 7.91 0.25 0.85
CA ALA A 214 7.39 -1.03 0.31
C ALA A 214 6.70 -1.80 1.44
N ALA A 215 7.19 -1.71 2.65
CA ALA A 215 6.61 -2.52 3.75
C ALA A 215 5.52 -1.75 4.50
N THR A 216 5.35 -0.46 4.26
CA THR A 216 4.29 0.33 4.91
C THR A 216 2.96 -0.34 4.62
N PRO A 217 2.09 -0.44 5.64
CA PRO A 217 0.72 -0.92 5.38
C PRO A 217 0.07 -0.07 4.29
N THR A 218 -0.61 -0.74 3.36
CA THR A 218 -1.25 -0.06 2.20
C THR A 218 -2.06 1.14 2.65
N GLU A 219 -2.83 1.02 3.73
CA GLU A 219 -3.75 2.08 4.17
C GLU A 219 -2.99 3.39 4.38
N SER A 220 -1.80 3.31 4.92
N SER A 220 -1.79 3.33 4.92
CA SER A 220 -1.10 4.49 5.48
CA SER A 220 -1.13 4.54 5.50
C SER A 220 -0.97 5.60 4.43
C SER A 220 -0.94 5.61 4.43
N PHE A 221 -0.46 5.27 3.25
CA PHE A 221 -0.20 6.26 2.18
C PHE A 221 -0.85 5.87 0.88
N PHE A 222 -1.95 5.08 0.93
CA PHE A 222 -2.77 4.78 -0.24
C PHE A 222 -3.08 6.04 -1.03
N ASP A 223 -3.43 7.13 -0.34
CA ASP A 223 -3.87 8.35 -1.00
C ASP A 223 -2.72 8.97 -1.79
N ASN A 224 -1.46 8.77 -1.38
CA ASN A 224 -0.33 9.30 -2.12
C ASN A 224 -0.22 8.62 -3.49
N ILE A 225 -0.45 7.31 -3.56
CA ILE A 225 -0.39 6.54 -4.81
C ILE A 225 -1.49 7.05 -5.76
N VAL A 226 -2.68 7.20 -5.24
CA VAL A 226 -3.81 7.66 -6.04
C VAL A 226 -3.51 9.07 -6.57
N THR A 227 -3.10 9.97 -5.69
CA THR A 227 -2.85 11.38 -6.10
C THR A 227 -1.74 11.44 -7.13
N ALA A 228 -0.61 10.76 -6.88
CA ALA A 228 0.49 10.78 -7.84
C ALA A 228 0.01 10.27 -9.18
N THR A 229 -0.73 9.16 -9.21
CA THR A 229 -1.18 8.56 -10.47
C THR A 229 -2.11 9.55 -11.19
N LYS A 230 -3.03 10.15 -10.49
CA LYS A 230 -3.96 11.14 -11.11
C LYS A 230 -3.18 12.27 -11.74
N ALA A 231 -2.10 12.70 -11.11
CA ALA A 231 -1.28 13.82 -11.62
C ALA A 231 -0.25 13.38 -12.67
N GLY A 232 -0.10 12.11 -12.97
CA GLY A 232 0.96 11.59 -13.85
C GLY A 232 2.39 11.75 -13.32
N VAL A 233 2.53 11.87 -12.00
CA VAL A 233 3.81 12.02 -11.30
C VAL A 233 4.39 10.63 -11.09
N ASN A 234 5.70 10.54 -11.29
N ASN A 234 5.70 10.53 -11.25
CA ASN A 234 6.42 9.30 -11.02
CA ASN A 234 6.47 9.27 -11.07
C ASN A 234 6.16 8.86 -9.58
C ASN A 234 6.30 8.80 -9.62
N ILE A 235 5.75 7.62 -9.43
CA ILE A 235 5.42 7.09 -8.09
C ILE A 235 6.03 5.67 -8.02
N GLY A 236 6.71 5.40 -6.94
CA GLY A 236 7.37 4.09 -6.73
C GLY A 236 7.63 3.85 -5.26
N LEU A 237 8.42 2.81 -4.99
CA LEU A 237 8.64 2.37 -3.64
C LEU A 237 10.14 2.40 -3.29
N LEU A 238 10.42 2.64 -2.03
CA LEU A 238 11.73 2.40 -1.44
C LEU A 238 11.57 1.30 -0.42
N PRO A 239 12.64 0.55 -0.16
CA PRO A 239 12.54 -0.47 0.89
C PRO A 239 12.24 0.15 2.21
N GLY A 240 11.66 -0.66 3.11
CA GLY A 240 11.37 -0.23 4.47
C GLY A 240 10.04 0.51 4.56
N MET A 241 9.97 1.45 5.48
CA MET A 241 8.73 2.14 5.84
C MET A 241 9.02 3.65 5.84
N HIS A 242 8.94 4.29 6.98
CA HIS A 242 8.87 5.76 7.04
C HIS A 242 10.26 6.39 7.02
N PHE A 243 11.33 5.61 7.22
CA PHE A 243 12.67 6.20 7.38
C PHE A 243 13.67 5.49 6.50
N PRO A 244 13.54 5.56 5.15
CA PRO A 244 14.40 4.77 4.30
C PRO A 244 15.87 5.14 4.45
N TYR A 245 16.14 6.38 4.79
CA TYR A 245 17.51 6.84 5.00
C TYR A 245 18.13 6.24 6.27
N VAL A 246 17.33 5.74 7.20
CA VAL A 246 17.84 5.02 8.38
C VAL A 246 17.90 3.53 8.07
N SER A 247 16.80 2.95 7.60
CA SER A 247 16.69 1.49 7.42
C SER A 247 17.56 1.00 6.27
N HIS A 248 17.68 1.75 5.17
CA HIS A 248 18.33 1.30 3.92
C HIS A 248 19.16 2.43 3.35
N PRO A 249 20.16 2.91 4.08
CA PRO A 249 20.89 4.12 3.67
C PRO A 249 21.54 4.05 2.32
N ASP A 250 22.09 2.90 1.94
CA ASP A 250 22.76 2.79 0.64
C ASP A 250 21.73 2.83 -0.49
N VAL A 251 20.58 2.17 -0.32
CA VAL A 251 19.53 2.23 -1.35
C VAL A 251 19.04 3.68 -1.45
N PHE A 252 18.80 4.27 -0.29
CA PHE A 252 18.34 5.66 -0.26
C PHE A 252 19.33 6.56 -1.01
N ALA A 253 20.60 6.48 -0.69
CA ALA A 253 21.62 7.34 -1.32
C ALA A 253 21.60 7.11 -2.85
N LYS A 254 21.53 5.85 -3.26
CA LYS A 254 21.54 5.56 -4.70
C LYS A 254 20.30 6.18 -5.35
N TYR A 255 19.14 6.09 -4.72
CA TYR A 255 17.93 6.71 -5.27
C TYR A 255 18.11 8.21 -5.43
N VAL A 256 18.62 8.86 -4.41
CA VAL A 256 18.76 10.34 -4.43
C VAL A 256 19.73 10.72 -5.58
N VAL A 257 20.83 9.99 -5.69
CA VAL A 257 21.85 10.30 -6.74
C VAL A 257 21.26 10.06 -8.12
N GLU A 258 20.64 8.91 -8.37
CA GLU A 258 20.10 8.56 -9.67
C GLU A 258 18.97 9.49 -10.09
N THR A 259 18.12 9.89 -9.13
CA THR A 259 17.00 10.80 -9.44
C THR A 259 17.54 12.19 -9.77
N THR A 260 18.53 12.65 -9.04
CA THR A 260 19.17 13.95 -9.32
C THR A 260 19.85 13.91 -10.69
N GLN A 261 20.53 12.82 -10.98
CA GLN A 261 21.21 12.68 -12.30
C GLN A 261 20.18 12.70 -13.43
N LYS A 262 19.04 12.04 -13.27
CA LYS A 262 17.99 12.02 -14.29
C LYS A 262 17.52 13.44 -14.60
N HIS A 263 17.34 14.25 -13.57
CA HIS A 263 16.84 15.64 -13.78
C HIS A 263 17.96 16.55 -14.28
N LEU A 264 19.21 16.28 -14.01
CA LEU A 264 20.31 17.05 -14.58
C LEU A 264 20.36 16.76 -16.08
N TRP A 265 20.11 15.54 -16.51
CA TRP A 265 20.11 15.18 -17.95
C TRP A 265 18.97 15.89 -18.63
N ASN A 266 17.76 15.80 -18.06
CA ASN A 266 16.53 16.37 -18.64
C ASN A 266 16.69 17.89 -18.74
N SER A 267 17.35 18.51 -17.76
CA SER A 267 17.44 20.00 -17.70
C SER A 267 18.21 20.56 -18.91
N SER A 268 19.21 19.83 -19.42
CA SER A 268 20.15 20.29 -20.48
C SER A 268 19.56 20.19 -21.90
N MET B 1 -32.60 -21.14 4.56
CA MET B 1 -31.81 -22.39 4.74
C MET B 1 -30.77 -22.48 3.60
N ARG B 2 -29.65 -23.09 3.91
CA ARG B 2 -28.51 -23.15 2.96
C ARG B 2 -28.61 -24.45 2.18
N THR B 3 -28.65 -24.39 0.87
CA THR B 3 -28.42 -25.56 0.00
C THR B 3 -26.93 -25.89 0.02
N ARG B 4 -26.60 -27.16 0.19
CA ARG B 4 -25.23 -27.65 0.08
C ARG B 4 -25.27 -28.90 -0.77
N SER B 5 -24.75 -28.83 -1.96
CA SER B 5 -25.01 -29.92 -2.95
C SER B 5 -23.90 -29.98 -3.98
N THR B 6 -24.06 -30.84 -4.97
CA THR B 6 -23.09 -30.97 -6.07
C THR B 6 -23.84 -30.87 -7.37
N ILE B 7 -23.13 -30.46 -8.40
CA ILE B 7 -23.73 -30.34 -9.76
C ILE B 7 -22.61 -30.56 -10.74
N SER B 8 -22.88 -31.32 -11.80
CA SER B 8 -21.88 -31.63 -12.82
C SER B 8 -22.11 -30.78 -14.05
N THR B 9 -21.04 -30.30 -14.66
CA THR B 9 -21.06 -29.48 -15.89
C THR B 9 -20.44 -30.28 -17.02
N PRO B 10 -20.83 -29.96 -18.26
CA PRO B 10 -20.38 -30.78 -19.41
C PRO B 10 -18.89 -30.69 -19.74
N ASN B 11 -18.13 -29.79 -19.11
CA ASN B 11 -16.67 -29.76 -19.16
C ASN B 11 -16.06 -30.78 -18.20
N GLY B 12 -16.86 -31.64 -17.53
CA GLY B 12 -16.26 -32.73 -16.75
C GLY B 12 -16.12 -32.44 -15.27
N ILE B 13 -16.43 -31.22 -14.84
CA ILE B 13 -16.27 -30.86 -13.40
C ILE B 13 -17.52 -31.27 -12.66
N THR B 14 -17.36 -31.91 -11.51
CA THR B 14 -18.38 -32.04 -10.49
C THR B 14 -18.10 -31.01 -9.39
N TRP B 15 -18.94 -29.99 -9.36
CA TRP B 15 -18.76 -28.88 -8.39
C TRP B 15 -19.46 -29.19 -7.09
N TYR B 16 -18.83 -28.83 -5.99
CA TYR B 16 -19.53 -28.64 -4.72
C TYR B 16 -19.95 -27.17 -4.66
N TYR B 17 -21.21 -26.90 -4.40
CA TYR B 17 -21.73 -25.53 -4.32
C TYR B 17 -22.66 -25.36 -3.15
N GLU B 18 -22.80 -24.10 -2.73
CA GLU B 18 -23.75 -23.72 -1.67
C GLU B 18 -24.57 -22.56 -2.17
N GLN B 19 -25.79 -22.46 -1.71
CA GLN B 19 -26.68 -21.37 -2.14
C GLN B 19 -27.61 -21.01 -1.00
N GLU B 20 -27.86 -19.73 -0.80
CA GLU B 20 -28.79 -19.28 0.24
C GLU B 20 -29.48 -18.02 -0.26
N GLY B 21 -30.78 -17.90 0.05
CA GLY B 21 -31.47 -16.61 -0.17
C GLY B 21 -32.28 -16.57 -1.45
N THR B 22 -33.06 -15.52 -1.56
N THR B 22 -33.04 -15.49 -1.54
CA THR B 22 -33.79 -15.18 -2.79
CA THR B 22 -33.89 -15.12 -2.67
C THR B 22 -33.60 -13.69 -3.05
C THR B 22 -33.62 -13.66 -3.02
N GLY B 23 -33.59 -13.37 -4.32
CA GLY B 23 -33.36 -12.02 -4.80
C GLY B 23 -32.32 -12.02 -5.90
N PRO B 24 -31.78 -10.83 -6.20
CA PRO B 24 -30.73 -10.74 -7.20
C PRO B 24 -29.54 -11.63 -6.82
N ASP B 25 -28.89 -12.16 -7.83
CA ASP B 25 -27.81 -13.14 -7.65
C ASP B 25 -26.51 -12.39 -7.32
N ILE B 26 -25.88 -12.88 -6.27
CA ILE B 26 -24.46 -12.55 -5.92
C ILE B 26 -23.71 -13.88 -5.87
N VAL B 27 -22.57 -13.92 -6.52
CA VAL B 27 -21.72 -15.11 -6.63
C VAL B 27 -20.32 -14.79 -6.06
N LEU B 28 -19.91 -15.60 -5.09
CA LEU B 28 -18.64 -15.40 -4.37
C LEU B 28 -17.64 -16.43 -4.91
N VAL B 29 -16.69 -15.96 -5.70
CA VAL B 29 -15.67 -16.82 -6.29
C VAL B 29 -14.50 -16.92 -5.33
N PRO B 30 -14.07 -18.13 -4.90
CA PRO B 30 -12.92 -18.25 -4.04
C PRO B 30 -11.61 -17.74 -4.65
N ASP B 31 -10.71 -17.46 -3.75
CA ASP B 31 -9.29 -17.24 -4.12
C ASP B 31 -8.70 -18.58 -4.60
N GLY B 32 -7.41 -18.53 -4.87
CA GLY B 32 -6.74 -19.64 -5.54
C GLY B 32 -6.89 -20.97 -4.76
N LEU B 33 -7.04 -20.88 -3.42
CA LEU B 33 -7.15 -22.13 -2.63
C LEU B 33 -8.49 -22.79 -2.84
N GLY B 34 -9.48 -22.10 -3.45
CA GLY B 34 -10.68 -22.79 -3.98
C GLY B 34 -11.62 -23.33 -2.94
N GLU B 35 -11.64 -22.73 -1.73
CA GLU B 35 -12.33 -23.29 -0.55
C GLU B 35 -13.48 -22.36 -0.19
N CYS B 36 -14.72 -22.76 -0.47
CA CYS B 36 -15.85 -21.85 -0.21
C CYS B 36 -16.36 -21.82 1.23
N GLN B 37 -15.86 -22.68 2.13
CA GLN B 37 -16.27 -22.55 3.53
C GLN B 37 -15.77 -21.22 4.11
N MET B 38 -14.75 -20.65 3.49
CA MET B 38 -14.27 -19.32 3.93
C MET B 38 -15.35 -18.25 3.86
N PHE B 39 -16.40 -18.50 3.10
CA PHE B 39 -17.48 -17.48 2.96
C PHE B 39 -18.71 -17.78 3.82
N ASP B 40 -18.65 -18.80 4.66
CA ASP B 40 -19.87 -19.32 5.34
C ASP B 40 -20.60 -18.23 6.14
N SER B 41 -19.91 -17.48 6.99
CA SER B 41 -20.62 -16.43 7.76
C SER B 41 -21.18 -15.33 6.82
N SER B 42 -20.39 -14.92 5.87
CA SER B 42 -20.81 -13.84 4.97
C SER B 42 -22.02 -14.24 4.11
N VAL B 43 -22.07 -15.49 3.68
CA VAL B 43 -23.19 -15.91 2.79
C VAL B 43 -24.52 -15.65 3.50
N SER B 44 -24.63 -16.02 4.76
CA SER B 44 -25.88 -15.79 5.51
C SER B 44 -26.16 -14.30 5.67
N GLN B 45 -25.13 -13.53 6.00
CA GLN B 45 -25.36 -12.08 6.21
C GLN B 45 -25.78 -11.41 4.90
N ILE B 46 -25.14 -11.77 3.80
CA ILE B 46 -25.52 -11.15 2.50
C ILE B 46 -26.93 -11.59 2.08
N ALA B 47 -27.22 -12.88 2.21
CA ALA B 47 -28.53 -13.42 1.76
C ALA B 47 -29.65 -12.75 2.57
N ALA B 48 -29.40 -12.47 3.82
CA ALA B 48 -30.41 -11.86 4.73
C ALA B 48 -30.81 -10.47 4.27
N GLN B 49 -30.03 -9.80 3.43
CA GLN B 49 -30.38 -8.48 2.87
C GLN B 49 -31.17 -8.57 1.59
N GLY B 50 -31.63 -9.76 1.18
CA GLY B 50 -32.51 -9.89 0.01
C GLY B 50 -31.80 -10.28 -1.26
N PHE B 51 -30.83 -11.20 -1.16
CA PHE B 51 -30.04 -11.67 -2.31
C PHE B 51 -29.99 -13.18 -2.29
N ARG B 52 -29.89 -13.77 -3.49
CA ARG B 52 -29.57 -15.18 -3.63
C ARG B 52 -28.04 -15.24 -3.76
N VAL B 53 -27.40 -15.88 -2.81
CA VAL B 53 -25.92 -15.95 -2.79
C VAL B 53 -25.49 -17.37 -3.14
N THR B 54 -24.59 -17.49 -4.09
CA THR B 54 -24.03 -18.78 -4.52
C THR B 54 -22.53 -18.76 -4.36
N THR B 55 -21.97 -19.87 -3.90
CA THR B 55 -20.54 -20.04 -3.90
C THR B 55 -20.22 -21.51 -4.18
N PHE B 56 -18.95 -21.82 -4.37
CA PHE B 56 -18.59 -23.20 -4.75
C PHE B 56 -17.11 -23.38 -4.51
N ASP B 57 -16.70 -24.61 -4.33
CA ASP B 57 -15.28 -24.91 -4.38
C ASP B 57 -14.79 -24.90 -5.84
N MET B 58 -13.55 -24.51 -6.07
CA MET B 58 -13.04 -24.36 -7.44
C MET B 58 -12.54 -25.69 -7.96
N PRO B 59 -12.48 -25.84 -9.29
CA PRO B 59 -12.14 -27.16 -9.88
C PRO B 59 -10.81 -27.69 -9.40
N GLY B 60 -10.79 -28.96 -9.02
CA GLY B 60 -9.58 -29.58 -8.51
C GLY B 60 -9.35 -29.39 -7.01
N MET B 61 -10.07 -28.44 -6.40
CA MET B 61 -9.84 -28.05 -4.99
C MET B 61 -10.98 -28.56 -4.10
N SER B 62 -10.64 -28.87 -2.85
CA SER B 62 -11.61 -29.21 -1.82
C SER B 62 -12.65 -30.20 -2.38
N ARG B 63 -13.92 -29.88 -2.29
CA ARG B 63 -15.02 -30.82 -2.62
C ARG B 63 -15.36 -30.74 -4.09
N SER B 64 -14.64 -29.95 -4.88
CA SER B 64 -14.80 -29.89 -6.35
C SER B 64 -13.63 -30.59 -7.02
N ALA B 65 -13.02 -31.56 -6.33
CA ALA B 65 -11.78 -32.17 -6.84
C ALA B 65 -12.03 -33.12 -8.01
N LYS B 66 -13.27 -33.59 -8.22
N LYS B 66 -13.27 -33.58 -8.22
CA LYS B 66 -13.59 -34.48 -9.37
CA LYS B 66 -13.53 -34.48 -9.36
C LYS B 66 -13.69 -33.61 -10.61
C LYS B 66 -13.68 -33.61 -10.61
N ALA B 67 -12.59 -33.46 -11.33
CA ALA B 67 -12.49 -32.55 -12.47
C ALA B 67 -11.33 -33.00 -13.30
N PRO B 68 -11.38 -32.75 -14.62
CA PRO B 68 -10.25 -33.09 -15.49
C PRO B 68 -9.02 -32.27 -15.17
N ALA B 69 -7.84 -32.84 -15.40
CA ALA B 69 -6.57 -32.21 -15.07
C ALA B 69 -6.40 -30.84 -15.72
N GLU B 70 -6.94 -30.63 -16.92
N GLU B 70 -6.96 -30.62 -16.91
CA GLU B 70 -6.83 -29.34 -17.64
CA GLU B 70 -6.81 -29.32 -17.62
C GLU B 70 -7.43 -28.20 -16.78
C GLU B 70 -7.44 -28.20 -16.79
N THR B 71 -8.43 -28.49 -15.94
CA THR B 71 -9.14 -27.44 -15.15
C THR B 71 -8.30 -26.99 -13.95
N TYR B 72 -7.24 -27.67 -13.54
CA TYR B 72 -6.40 -27.25 -12.40
C TYR B 72 -4.92 -27.24 -12.73
N THR B 73 -4.58 -27.30 -14.04
CA THR B 73 -3.20 -27.15 -14.52
C THR B 73 -3.18 -26.04 -15.54
N GLU B 74 -2.06 -25.31 -15.61
CA GLU B 74 -1.88 -24.20 -16.58
C GLU B 74 -3.11 -23.30 -16.45
N VAL B 75 -3.46 -22.93 -15.21
CA VAL B 75 -4.72 -22.18 -14.99
C VAL B 75 -4.52 -20.70 -15.35
N THR B 76 -5.50 -20.16 -16.02
CA THR B 76 -5.56 -18.74 -16.40
C THR B 76 -6.88 -18.18 -15.93
N ALA B 77 -6.94 -16.83 -15.87
CA ALA B 77 -8.19 -16.14 -15.58
C ALA B 77 -9.30 -16.50 -16.55
N GLN B 78 -8.92 -16.64 -17.83
CA GLN B 78 -9.92 -16.93 -18.89
C GLN B 78 -10.44 -18.36 -18.77
N LYS B 79 -9.60 -19.33 -18.44
CA LYS B 79 -10.09 -20.69 -18.13
C LYS B 79 -11.05 -20.69 -16.94
N LEU B 80 -10.66 -20.00 -15.88
CA LEU B 80 -11.53 -19.96 -14.69
C LEU B 80 -12.85 -19.28 -15.01
N ALA B 81 -12.85 -18.22 -15.81
CA ALA B 81 -14.07 -17.50 -16.16
C ALA B 81 -15.00 -18.45 -16.94
N SER B 82 -14.42 -19.24 -17.84
CA SER B 82 -15.23 -20.23 -18.61
C SER B 82 -15.83 -21.25 -17.68
N TYR B 83 -15.12 -21.70 -16.66
CA TYR B 83 -15.65 -22.66 -15.69
C TYR B 83 -16.76 -22.07 -14.85
N VAL B 84 -16.57 -20.84 -14.36
CA VAL B 84 -17.63 -20.20 -13.57
C VAL B 84 -18.90 -20.00 -14.41
N ILE B 85 -18.76 -19.59 -15.66
CA ILE B 85 -19.95 -19.47 -16.54
C ILE B 85 -20.61 -20.85 -16.66
N SER B 86 -19.84 -21.94 -16.67
CA SER B 86 -20.47 -23.28 -16.80
C SER B 86 -21.33 -23.57 -15.60
N ILE B 87 -20.86 -23.25 -14.39
CA ILE B 87 -21.70 -23.56 -13.21
C ILE B 87 -22.89 -22.59 -13.16
N LEU B 88 -22.71 -21.32 -13.51
CA LEU B 88 -23.84 -20.38 -13.53
C LEU B 88 -24.92 -20.84 -14.55
N ASP B 89 -24.49 -21.39 -15.67
CA ASP B 89 -25.44 -21.98 -16.69
C ASP B 89 -26.16 -23.15 -16.04
N ALA B 90 -25.44 -24.04 -15.38
CA ALA B 90 -26.01 -25.24 -14.73
C ALA B 90 -27.03 -24.85 -13.66
N LEU B 91 -26.82 -23.75 -12.93
CA LEU B 91 -27.72 -23.30 -11.84
C LEU B 91 -28.76 -22.30 -12.35
N ASP B 92 -28.79 -22.01 -13.65
CA ASP B 92 -29.75 -21.07 -14.25
C ASP B 92 -29.63 -19.69 -13.59
N ILE B 93 -28.41 -19.27 -13.35
CA ILE B 93 -28.09 -17.88 -12.90
C ILE B 93 -27.74 -17.05 -14.13
N LYS B 94 -28.70 -16.27 -14.58
CA LYS B 94 -28.55 -15.53 -15.84
C LYS B 94 -27.74 -14.25 -15.67
N HIS B 95 -27.98 -13.51 -14.59
N HIS B 95 -27.91 -13.55 -14.54
CA HIS B 95 -27.31 -12.22 -14.33
CA HIS B 95 -27.33 -12.21 -14.29
C HIS B 95 -26.81 -12.29 -12.88
C HIS B 95 -26.85 -12.16 -12.85
N ALA B 96 -25.54 -11.91 -12.69
CA ALA B 96 -24.95 -12.01 -11.35
C ALA B 96 -24.00 -10.85 -11.07
N THR B 97 -24.02 -10.48 -9.82
CA THR B 97 -22.89 -9.71 -9.19
C THR B 97 -21.86 -10.75 -8.82
N VAL B 98 -20.57 -10.44 -9.03
CA VAL B 98 -19.51 -11.41 -8.70
C VAL B 98 -18.43 -10.74 -7.83
N TRP B 99 -17.94 -11.51 -6.88
CA TRP B 99 -16.77 -11.13 -6.04
C TRP B 99 -15.63 -12.12 -6.30
N GLY B 100 -14.42 -11.65 -6.33
CA GLY B 100 -13.30 -12.57 -6.25
C GLY B 100 -12.03 -11.92 -5.78
N CYS B 101 -11.25 -12.68 -5.03
CA CYS B 101 -9.90 -12.27 -4.57
C CYS B 101 -8.83 -13.14 -5.28
N SER B 102 -7.70 -12.54 -5.57
CA SER B 102 -6.54 -13.29 -6.04
C SER B 102 -6.80 -13.82 -7.44
N SER B 103 -6.61 -15.10 -7.71
CA SER B 103 -7.04 -15.68 -8.99
C SER B 103 -8.54 -15.50 -9.22
N GLY B 104 -9.32 -15.41 -8.14
CA GLY B 104 -10.73 -15.07 -8.21
C GLY B 104 -10.95 -13.66 -8.71
N ALA B 105 -10.07 -12.71 -8.34
CA ALA B 105 -10.15 -11.34 -8.84
C ALA B 105 -9.90 -11.35 -10.35
N SER B 106 -8.87 -12.05 -10.79
CA SER B 106 -8.61 -12.11 -12.24
C SER B 106 -9.80 -12.73 -12.95
N THR B 107 -10.39 -13.74 -12.36
CA THR B 107 -11.55 -14.46 -12.92
C THR B 107 -12.72 -13.46 -13.06
N VAL B 108 -13.05 -12.70 -12.00
CA VAL B 108 -14.26 -11.84 -12.11
C VAL B 108 -14.04 -10.71 -13.12
N VAL B 109 -12.82 -10.18 -13.25
CA VAL B 109 -12.59 -9.15 -14.29
C VAL B 109 -12.71 -9.82 -15.67
N ALA B 110 -12.16 -11.01 -15.85
CA ALA B 110 -12.34 -11.74 -17.12
C ALA B 110 -13.84 -11.99 -17.35
N LEU B 111 -14.60 -12.30 -16.33
CA LEU B 111 -16.06 -12.52 -16.49
C LEU B 111 -16.75 -11.25 -16.97
N LEU B 112 -16.45 -10.12 -16.32
CA LEU B 112 -17.11 -8.85 -16.66
C LEU B 112 -16.75 -8.48 -18.11
N LEU B 113 -15.50 -8.64 -18.50
CA LEU B 113 -15.10 -8.18 -19.85
C LEU B 113 -15.59 -9.19 -20.90
N GLY B 114 -15.60 -10.45 -20.60
CA GLY B 114 -15.89 -11.49 -21.60
C GLY B 114 -17.35 -11.80 -21.69
N TYR B 115 -18.13 -11.61 -20.64
CA TYR B 115 -19.56 -12.02 -20.58
C TYR B 115 -20.34 -10.85 -20.03
N PRO B 116 -20.29 -9.67 -20.68
CA PRO B 116 -20.89 -8.46 -20.13
C PRO B 116 -22.39 -8.57 -19.88
N ASP B 117 -23.07 -9.37 -20.69
N ASP B 117 -23.10 -9.36 -20.68
CA ASP B 117 -24.54 -9.57 -20.56
CA ASP B 117 -24.57 -9.51 -20.49
C ASP B 117 -24.86 -10.37 -19.29
C ASP B 117 -24.88 -10.40 -19.29
N ARG B 118 -23.90 -11.12 -18.74
CA ARG B 118 -24.13 -12.03 -17.59
C ARG B 118 -23.77 -11.35 -16.26
N ILE B 119 -22.96 -10.30 -16.30
CA ILE B 119 -22.34 -9.75 -15.07
C ILE B 119 -22.86 -8.35 -14.81
N ARG B 120 -23.58 -8.20 -13.72
CA ARG B 120 -24.10 -6.91 -13.28
C ARG B 120 -22.96 -5.98 -12.89
N ASN B 121 -22.04 -6.51 -12.10
CA ASN B 121 -20.90 -5.74 -11.58
C ASN B 121 -19.96 -6.74 -10.93
N ALA B 122 -18.70 -6.39 -10.88
CA ALA B 122 -17.66 -7.25 -10.31
C ALA B 122 -16.90 -6.49 -9.23
N MET B 123 -16.62 -7.20 -8.15
CA MET B 123 -15.74 -6.74 -7.09
C MET B 123 -14.48 -7.59 -7.15
N CYS B 124 -13.34 -6.93 -7.35
CA CYS B 124 -12.04 -7.62 -7.38
C CYS B 124 -11.19 -7.15 -6.22
N HIS B 125 -10.47 -8.09 -5.63
CA HIS B 125 -9.61 -7.83 -4.48
C HIS B 125 -8.25 -8.46 -4.76
N GLU B 126 -7.19 -7.65 -4.62
CA GLU B 126 -5.80 -8.15 -4.65
C GLU B 126 -5.55 -9.06 -5.85
N LEU B 127 -5.58 -8.47 -7.04
CA LEU B 127 -5.47 -9.19 -8.32
C LEU B 127 -3.99 -9.34 -8.66
N PRO B 128 -3.50 -10.59 -8.82
CA PRO B 128 -2.09 -10.79 -9.06
C PRO B 128 -1.69 -10.58 -10.51
N THR B 129 -0.72 -9.68 -10.70
CA THR B 129 -0.27 -9.33 -12.06
C THR B 129 1.25 -9.57 -12.19
N LYS B 130 1.91 -9.95 -11.12
CA LYS B 130 3.40 -10.15 -11.14
C LYS B 130 3.72 -11.60 -10.79
N LEU B 131 4.62 -12.17 -11.56
CA LEU B 131 5.22 -13.46 -11.21
C LEU B 131 6.11 -13.33 -9.99
N LEU B 132 5.94 -14.21 -9.04
CA LEU B 132 6.80 -14.26 -7.86
C LEU B 132 7.61 -15.56 -7.91
N ASP B 133 8.91 -15.47 -8.13
CA ASP B 133 9.75 -16.70 -8.31
C ASP B 133 9.71 -17.60 -7.06
N HIS B 134 9.62 -17.04 -5.88
CA HIS B 134 9.66 -17.89 -4.65
C HIS B 134 8.36 -18.73 -4.57
N LEU B 135 7.23 -18.23 -5.09
CA LEU B 135 5.96 -19.02 -5.07
C LEU B 135 5.96 -19.99 -6.26
N SER B 136 6.31 -19.53 -7.46
CA SER B 136 6.44 -20.43 -8.65
C SER B 136 7.42 -21.59 -8.33
N ASN B 137 8.43 -21.34 -7.53
CA ASN B 137 9.47 -22.40 -7.28
C ASN B 137 8.96 -23.48 -6.31
N THR B 138 7.83 -23.31 -5.63
CA THR B 138 7.38 -24.39 -4.71
C THR B 138 6.98 -25.64 -5.54
N ALA B 139 6.62 -25.46 -6.82
CA ALA B 139 5.94 -26.50 -7.62
C ALA B 139 6.80 -27.77 -7.73
N VAL B 140 8.10 -27.69 -7.58
CA VAL B 140 8.95 -28.88 -7.79
C VAL B 140 9.22 -29.62 -6.49
N LEU B 141 8.76 -29.12 -5.33
CA LEU B 141 8.97 -29.83 -4.05
C LEU B 141 7.98 -30.97 -3.91
N GLU B 142 8.19 -31.82 -2.89
N GLU B 142 8.17 -31.79 -2.87
CA GLU B 142 7.25 -32.91 -2.54
CA GLU B 142 7.25 -32.90 -2.55
C GLU B 142 5.95 -32.26 -2.03
C GLU B 142 5.95 -32.29 -1.98
N ASP B 143 4.84 -32.96 -2.23
CA ASP B 143 3.50 -32.47 -1.75
C ASP B 143 3.53 -32.02 -0.30
N GLU B 144 4.09 -32.81 0.61
N GLU B 144 4.00 -32.87 0.62
CA GLU B 144 4.06 -32.47 2.06
CA GLU B 144 3.90 -32.53 2.07
C GLU B 144 4.89 -31.22 2.32
C GLU B 144 4.76 -31.30 2.36
N GLU B 145 5.98 -31.02 1.59
N GLU B 145 5.85 -31.09 1.64
CA GLU B 145 6.83 -29.82 1.76
CA GLU B 145 6.69 -29.89 1.87
C GLU B 145 6.05 -28.58 1.30
C GLU B 145 5.93 -28.64 1.37
N ILE B 146 5.29 -28.74 0.22
CA ILE B 146 4.49 -27.59 -0.33
C ILE B 146 3.43 -27.26 0.72
N SER B 147 2.71 -28.25 1.19
CA SER B 147 1.59 -27.97 2.15
C SER B 147 2.11 -27.30 3.40
N ASN B 148 3.23 -27.80 3.95
CA ASN B 148 3.80 -27.21 5.17
C ASN B 148 4.20 -25.77 4.90
N ILE B 149 4.90 -25.49 3.80
CA ILE B 149 5.39 -24.14 3.49
C ILE B 149 4.21 -23.19 3.28
N LEU B 150 3.20 -23.61 2.52
CA LEU B 150 2.14 -22.67 2.11
C LEU B 150 1.15 -22.53 3.27
N ALA B 151 0.95 -23.54 4.09
CA ALA B 151 0.10 -23.35 5.29
C ALA B 151 0.71 -22.24 6.14
N ASN B 152 2.02 -22.24 6.30
CA ASN B 152 2.69 -21.23 7.13
C ASN B 152 2.61 -19.87 6.47
N VAL B 153 2.82 -19.77 5.15
CA VAL B 153 2.68 -18.50 4.44
C VAL B 153 1.27 -17.91 4.61
N MET B 154 0.26 -18.76 4.45
CA MET B 154 -1.12 -18.23 4.51
C MET B 154 -1.35 -17.69 5.91
N LEU B 155 -1.00 -18.46 6.98
CA LEU B 155 -1.27 -18.01 8.35
C LEU B 155 -0.51 -16.74 8.66
N ASN B 156 0.80 -16.74 8.38
CA ASN B 156 1.70 -15.69 8.95
C ASN B 156 1.85 -14.48 8.03
N ASP B 157 1.66 -14.62 6.74
CA ASP B 157 2.03 -13.52 5.81
C ASP B 157 0.77 -12.86 5.22
N VAL B 158 -0.32 -13.60 4.94
CA VAL B 158 -1.44 -12.98 4.17
C VAL B 158 -2.81 -13.20 4.76
N SER B 159 -2.96 -13.91 5.90
CA SER B 159 -4.30 -14.16 6.45
C SER B 159 -4.98 -12.87 6.88
N GLY B 160 -4.24 -11.88 7.36
CA GLY B 160 -4.87 -10.66 7.90
C GLY B 160 -5.46 -10.86 9.28
N GLY B 161 -5.29 -12.02 9.87
CA GLY B 161 -5.93 -12.29 11.20
C GLY B 161 -5.69 -13.73 11.61
N SER B 162 -4.65 -14.00 12.38
CA SER B 162 -4.24 -15.37 12.71
C SER B 162 -5.35 -16.10 13.47
N GLU B 163 -6.02 -15.42 14.38
CA GLU B 163 -7.09 -16.10 15.19
C GLU B 163 -8.21 -16.58 14.27
N ALA B 164 -8.70 -15.70 13.39
CA ALA B 164 -9.79 -16.06 12.49
C ALA B 164 -9.35 -17.16 11.51
N TRP B 165 -8.11 -17.05 11.03
CA TRP B 165 -7.62 -18.04 10.07
C TRP B 165 -7.58 -19.44 10.71
N GLN B 166 -7.00 -19.51 11.88
CA GLN B 166 -6.93 -20.81 12.60
C GLN B 166 -8.35 -21.27 12.96
N ALA B 167 -9.24 -20.35 13.26
CA ALA B 167 -10.62 -20.72 13.68
C ALA B 167 -11.42 -21.25 12.50
N LEU B 168 -10.89 -21.23 11.25
CA LEU B 168 -11.54 -21.99 10.18
C LEU B 168 -11.70 -23.47 10.56
N GLY B 169 -10.76 -24.00 11.35
CA GLY B 169 -10.93 -25.31 11.96
C GLY B 169 -10.30 -26.43 11.20
N VAL B 170 -10.19 -27.59 11.86
CA VAL B 170 -9.46 -28.74 11.31
C VAL B 170 -10.00 -29.23 9.97
N GLU B 171 -11.33 -29.28 9.79
N GLU B 171 -11.32 -29.27 9.78
CA GLU B 171 -11.91 -29.80 8.53
CA GLU B 171 -11.93 -29.80 8.53
C GLU B 171 -11.42 -28.92 7.36
C GLU B 171 -11.50 -28.93 7.34
N VAL B 172 -11.54 -27.61 7.52
CA VAL B 172 -11.14 -26.68 6.44
C VAL B 172 -9.64 -26.82 6.21
N HIS B 173 -8.84 -26.77 7.28
CA HIS B 173 -7.37 -26.78 7.09
C HIS B 173 -6.92 -28.10 6.49
N ALA B 174 -7.60 -29.21 6.78
CA ALA B 174 -7.25 -30.49 6.17
C ALA B 174 -7.56 -30.46 4.66
N ARG B 175 -8.63 -29.78 4.25
CA ARG B 175 -8.90 -29.63 2.81
C ARG B 175 -7.84 -28.71 2.17
N LEU B 176 -7.50 -27.60 2.84
CA LEU B 176 -6.48 -26.69 2.27
C LEU B 176 -5.15 -27.41 2.11
N HIS B 177 -4.79 -28.24 3.10
CA HIS B 177 -3.52 -28.98 3.06
C HIS B 177 -3.41 -29.76 1.76
N LYS B 178 -4.50 -30.40 1.33
CA LYS B 178 -4.49 -31.14 0.07
C LYS B 178 -4.50 -30.22 -1.15
N ASN B 179 -5.08 -29.04 -1.02
CA ASN B 179 -5.12 -28.09 -2.14
C ASN B 179 -3.79 -27.42 -2.42
N TYR B 180 -2.94 -27.19 -1.42
CA TYR B 180 -1.72 -26.40 -1.61
C TYR B 180 -0.89 -26.92 -2.78
N PRO B 181 -0.61 -28.23 -2.89
CA PRO B 181 0.20 -28.68 -4.02
C PRO B 181 -0.48 -28.51 -5.36
N VAL B 182 -1.81 -28.67 -5.40
CA VAL B 182 -2.57 -28.49 -6.64
C VAL B 182 -2.41 -27.03 -7.06
N TRP B 183 -2.64 -26.10 -6.11
CA TRP B 183 -2.50 -24.66 -6.42
C TRP B 183 -1.09 -24.37 -6.86
N ALA B 184 -0.07 -24.86 -6.15
CA ALA B 184 1.33 -24.49 -6.43
C ALA B 184 1.67 -24.95 -7.86
N ARG B 185 1.21 -26.12 -8.27
CA ARG B 185 1.60 -26.68 -9.58
C ARG B 185 0.76 -26.05 -10.70
N GLY B 186 -0.43 -25.51 -10.42
CA GLY B 186 -1.35 -25.07 -11.47
C GLY B 186 -1.56 -23.58 -11.64
N TYR B 187 -1.23 -22.78 -10.64
CA TYR B 187 -1.70 -21.35 -10.57
C TYR B 187 -0.57 -20.34 -10.74
N PRO B 188 0.46 -20.28 -9.89
CA PRO B 188 1.27 -19.07 -9.80
C PRO B 188 2.13 -18.78 -11.03
N ARG B 189 2.43 -19.78 -11.83
CA ARG B 189 3.23 -19.56 -13.06
C ARG B 189 2.38 -19.04 -14.19
N THR B 190 1.06 -19.28 -14.24
CA THR B 190 0.19 -18.98 -15.39
C THR B 190 -0.89 -17.93 -15.05
N ILE B 191 -1.24 -17.77 -13.77
CA ILE B 191 -2.29 -16.77 -13.44
C ILE B 191 -1.81 -15.35 -13.66
N PRO B 192 -0.66 -14.91 -13.15
CA PRO B 192 -0.30 -13.49 -13.30
C PRO B 192 -0.21 -13.01 -14.73
N PRO B 193 0.43 -13.77 -15.65
CA PRO B 193 0.45 -13.29 -17.03
C PRO B 193 -0.89 -13.21 -17.73
N SER B 194 -1.91 -13.89 -17.21
CA SER B 194 -3.26 -13.89 -17.77
C SER B 194 -4.09 -12.68 -17.25
N ALA B 195 -3.50 -11.86 -16.38
CA ALA B 195 -4.30 -10.79 -15.73
C ALA B 195 -5.00 -9.92 -16.79
N PRO B 196 -6.31 -9.76 -16.69
CA PRO B 196 -7.05 -9.06 -17.76
C PRO B 196 -7.09 -7.55 -17.56
N VAL B 197 -6.03 -7.01 -17.01
CA VAL B 197 -5.99 -5.57 -16.61
C VAL B 197 -4.81 -4.94 -17.33
N GLN B 198 -4.27 -5.58 -18.38
CA GLN B 198 -3.18 -5.01 -19.20
C GLN B 198 -3.71 -3.89 -20.15
N ASP B 199 -4.93 -4.04 -20.64
CA ASP B 199 -5.64 -3.03 -21.47
C ASP B 199 -6.43 -2.09 -20.54
N VAL B 200 -5.84 -1.00 -20.16
CA VAL B 200 -6.46 -0.07 -19.20
C VAL B 200 -7.74 0.53 -19.77
N GLU B 201 -7.75 0.88 -21.05
CA GLU B 201 -8.96 1.49 -21.64
C GLU B 201 -10.15 0.55 -21.68
N ALA B 202 -9.93 -0.76 -21.72
CA ALA B 202 -11.02 -1.75 -21.71
C ALA B 202 -11.72 -1.73 -20.33
N LEU B 203 -11.03 -1.32 -19.28
CA LEU B 203 -11.64 -1.24 -17.93
C LEU B 203 -12.44 0.04 -17.73
N ARG B 204 -12.18 1.09 -18.54
CA ARG B 204 -12.75 2.42 -18.25
C ARG B 204 -14.26 2.35 -18.44
N GLY B 205 -14.99 2.89 -17.48
CA GLY B 205 -16.44 2.92 -17.49
C GLY B 205 -17.11 1.62 -17.12
N LYS B 206 -16.36 0.59 -16.78
CA LYS B 206 -16.96 -0.72 -16.47
C LYS B 206 -17.41 -0.77 -15.01
N PRO B 207 -18.45 -1.59 -14.71
CA PRO B 207 -18.99 -1.71 -13.35
C PRO B 207 -18.11 -2.59 -12.47
N LEU B 208 -16.97 -2.01 -12.12
CA LEU B 208 -15.87 -2.72 -11.40
C LEU B 208 -15.60 -1.92 -10.14
N ASP B 209 -15.45 -2.61 -9.01
CA ASP B 209 -15.03 -2.00 -7.76
C ASP B 209 -13.87 -2.83 -7.21
N TRP B 210 -12.74 -2.17 -7.01
CA TRP B 210 -11.47 -2.84 -6.73
C TRP B 210 -11.08 -2.53 -5.30
N THR B 211 -10.60 -3.53 -4.59
CA THR B 211 -10.07 -3.31 -3.24
C THR B 211 -8.71 -3.99 -3.06
N VAL B 212 -7.98 -3.46 -2.09
CA VAL B 212 -6.73 -4.08 -1.55
C VAL B 212 -6.87 -4.09 -0.03
N GLY B 213 -6.16 -4.98 0.62
CA GLY B 213 -6.23 -5.03 2.08
C GLY B 213 -5.53 -3.87 2.72
N ALA B 214 -6.12 -3.29 3.75
CA ALA B 214 -5.58 -2.12 4.42
C ALA B 214 -4.24 -2.46 5.05
N ALA B 215 -4.05 -3.67 5.58
CA ALA B 215 -2.83 -4.03 6.28
C ALA B 215 -1.80 -4.67 5.36
N THR B 216 -2.17 -5.00 4.12
CA THR B 216 -1.27 -5.60 3.16
C THR B 216 -0.07 -4.68 2.96
N PRO B 217 1.16 -5.19 2.94
CA PRO B 217 2.29 -4.29 2.65
C PRO B 217 2.06 -3.61 1.30
N THR B 218 2.45 -2.32 1.24
CA THR B 218 2.15 -1.49 0.04
C THR B 218 2.68 -2.15 -1.24
N GLU B 219 3.86 -2.78 -1.19
N GLU B 219 3.87 -2.76 -1.18
CA GLU B 219 4.48 -3.33 -2.41
CA GLU B 219 4.49 -3.37 -2.39
C GLU B 219 3.66 -4.47 -3.01
C GLU B 219 3.55 -4.39 -3.03
N SER B 220 2.82 -5.15 -2.22
CA SER B 220 2.17 -6.38 -2.73
C SER B 220 1.20 -6.10 -3.86
N PHE B 221 0.35 -5.09 -3.71
CA PHE B 221 -0.67 -4.78 -4.75
C PHE B 221 -0.65 -3.32 -5.09
N PHE B 222 0.51 -2.68 -4.94
CA PHE B 222 0.76 -1.33 -5.45
C PHE B 222 0.22 -1.19 -6.87
N ASP B 223 0.53 -2.15 -7.74
CA ASP B 223 0.18 -2.06 -9.16
C ASP B 223 -1.33 -2.02 -9.34
N ASN B 224 -2.11 -2.64 -8.44
CA ASN B 224 -3.56 -2.60 -8.55
C ASN B 224 -4.08 -1.17 -8.36
N ILE B 225 -3.48 -0.45 -7.38
CA ILE B 225 -3.92 0.93 -7.09
C ILE B 225 -3.63 1.81 -8.29
N VAL B 226 -2.44 1.65 -8.86
CA VAL B 226 -2.03 2.44 -10.05
C VAL B 226 -2.97 2.14 -11.21
N THR B 227 -3.19 0.89 -11.51
CA THR B 227 -4.01 0.47 -12.65
C THR B 227 -5.43 0.97 -12.48
N ALA B 228 -6.04 0.76 -11.31
CA ALA B 228 -7.40 1.18 -11.09
C ALA B 228 -7.49 2.70 -11.29
N THR B 229 -6.57 3.44 -10.70
CA THR B 229 -6.61 4.92 -10.81
C THR B 229 -6.48 5.34 -12.28
N LYS B 230 -5.58 4.72 -13.02
CA LYS B 230 -5.41 5.06 -14.46
C LYS B 230 -6.71 4.82 -15.20
N ALA B 231 -7.45 3.77 -14.86
CA ALA B 231 -8.70 3.38 -15.55
C ALA B 231 -9.92 4.16 -15.03
N GLY B 232 -9.81 4.95 -13.98
CA GLY B 232 -10.89 5.63 -13.30
C GLY B 232 -11.84 4.71 -12.56
N VAL B 233 -11.38 3.51 -12.24
CA VAL B 233 -12.15 2.47 -11.54
C VAL B 233 -12.11 2.76 -10.06
N ASN B 234 -13.27 2.62 -9.41
N ASN B 234 -13.26 2.59 -9.39
CA ASN B 234 -13.37 2.73 -7.96
CA ASN B 234 -13.38 2.80 -7.94
C ASN B 234 -12.29 1.85 -7.34
C ASN B 234 -12.40 1.85 -7.23
N ILE B 235 -11.54 2.41 -6.40
CA ILE B 235 -10.46 1.63 -5.71
C ILE B 235 -10.46 2.07 -4.26
N GLY B 236 -10.46 1.09 -3.36
CA GLY B 236 -10.47 1.37 -1.93
C GLY B 236 -9.94 0.22 -1.16
N LEU B 237 -10.15 0.26 0.14
CA LEU B 237 -9.54 -0.73 1.04
C LEU B 237 -10.60 -1.49 1.82
N LEU B 238 -10.28 -2.71 2.15
CA LEU B 238 -10.99 -3.51 3.16
C LEU B 238 -10.03 -3.76 4.29
N PRO B 239 -10.54 -3.96 5.51
CA PRO B 239 -9.66 -4.34 6.62
C PRO B 239 -8.97 -5.66 6.32
N GLY B 240 -7.82 -5.83 6.96
CA GLY B 240 -7.06 -7.09 6.90
C GLY B 240 -6.20 -7.13 5.65
N MET B 241 -5.98 -8.30 5.11
CA MET B 241 -5.02 -8.53 4.03
C MET B 241 -5.72 -9.26 2.88
N HIS B 242 -5.38 -10.49 2.65
CA HIS B 242 -5.79 -11.24 1.46
C HIS B 242 -7.13 -11.93 1.60
N PHE B 243 -7.65 -12.10 2.82
CA PHE B 243 -8.86 -12.90 3.05
C PHE B 243 -9.83 -12.12 3.91
N PRO B 244 -10.35 -10.95 3.42
CA PRO B 244 -11.24 -10.15 4.24
C PRO B 244 -12.51 -10.90 4.67
N TYR B 245 -12.97 -11.85 3.86
CA TYR B 245 -14.14 -12.68 4.19
C TYR B 245 -13.84 -13.63 5.36
N VAL B 246 -12.57 -13.92 5.65
CA VAL B 246 -12.19 -14.68 6.87
C VAL B 246 -11.91 -13.73 8.02
N SER B 247 -11.05 -12.74 7.82
CA SER B 247 -10.58 -11.90 8.92
C SER B 247 -11.67 -10.97 9.41
N HIS B 248 -12.53 -10.47 8.52
CA HIS B 248 -13.51 -9.43 8.86
C HIS B 248 -14.82 -9.71 8.14
N PRO B 249 -15.48 -10.84 8.45
CA PRO B 249 -16.63 -11.29 7.67
C PRO B 249 -17.79 -10.30 7.66
N ASP B 250 -18.04 -9.60 8.77
CA ASP B 250 -19.19 -8.67 8.80
C ASP B 250 -18.90 -7.44 7.93
N VAL B 251 -17.67 -6.92 7.97
CA VAL B 251 -17.29 -5.78 7.09
C VAL B 251 -17.37 -6.23 5.64
N PHE B 252 -16.82 -7.40 5.35
CA PHE B 252 -16.89 -7.97 4.00
C PHE B 252 -18.33 -8.06 3.52
N ALA B 253 -19.22 -8.63 4.34
CA ALA B 253 -20.62 -8.80 3.93
C ALA B 253 -21.28 -7.44 3.66
N LYS B 254 -21.00 -6.45 4.51
CA LYS B 254 -21.58 -5.12 4.32
C LYS B 254 -21.08 -4.52 3.00
N TYR B 255 -19.79 -4.67 2.71
CA TYR B 255 -19.22 -4.16 1.46
C TYR B 255 -19.92 -4.79 0.27
N VAL B 256 -20.05 -6.10 0.26
CA VAL B 256 -20.70 -6.81 -0.86
C VAL B 256 -22.15 -6.32 -1.03
N VAL B 257 -22.86 -6.20 0.07
CA VAL B 257 -24.28 -5.75 0.02
C VAL B 257 -24.33 -4.34 -0.50
N GLU B 258 -23.55 -3.41 0.07
CA GLU B 258 -23.66 -1.98 -0.32
C GLU B 258 -23.22 -1.81 -1.77
N THR B 259 -22.18 -2.51 -2.21
CA THR B 259 -21.71 -2.38 -3.59
C THR B 259 -22.77 -2.92 -4.58
N THR B 260 -23.38 -4.02 -4.25
CA THR B 260 -24.45 -4.60 -5.10
C THR B 260 -25.63 -3.62 -5.14
N GLN B 261 -25.96 -3.06 -4.00
CA GLN B 261 -27.08 -2.08 -3.97
C GLN B 261 -26.78 -0.87 -4.83
N LYS B 262 -25.55 -0.38 -4.79
CA LYS B 262 -25.13 0.78 -5.59
C LYS B 262 -25.36 0.49 -7.06
N HIS B 263 -25.03 -0.72 -7.52
CA HIS B 263 -25.15 -1.05 -8.95
C HIS B 263 -26.60 -1.36 -9.32
N LEU B 264 -27.41 -1.85 -8.39
CA LEU B 264 -28.83 -2.04 -8.69
C LEU B 264 -29.44 -0.66 -8.89
N TRP B 265 -29.04 0.34 -8.12
CA TRP B 265 -29.61 1.71 -8.25
C TRP B 265 -29.20 2.26 -9.61
N ASN B 266 -27.90 2.14 -9.92
CA ASN B 266 -27.34 2.71 -11.17
C ASN B 266 -27.95 2.01 -12.37
N SER B 267 -28.23 0.73 -12.27
CA SER B 267 -28.77 -0.12 -13.38
C SER B 267 -30.17 0.41 -13.76
N SER B 268 -30.99 0.74 -12.76
CA SER B 268 -32.35 1.34 -12.95
C SER B 268 -32.21 2.78 -13.49
N SER B 269 -31.17 3.51 -13.07
CA SER B 269 -30.89 4.91 -13.49
C SER B 269 -30.39 4.90 -14.93
#